data_4UY2
#
_entry.id   4UY2
#
_cell.length_a   42.319
_cell.length_b   119.348
_cell.length_c   79.107
_cell.angle_alpha   90.00
_cell.angle_beta   103.02
_cell.angle_gamma   90.00
#
_symmetry.space_group_name_H-M   'P 1 21 1'
#
loop_
_entity.id
_entity.type
_entity.pdbx_description
1 polymer 'NEURONAL ACETYLCHOLINE RECEPTOR SUBUNIT ALPHA-9'
2 polymer 'ALPHA-BUNGAROTOXIN ISOFORM V31'
3 non-polymer 2-acetamido-2-deoxy-beta-D-glucopyranose
#
loop_
_entity_poly.entity_id
_entity_poly.type
_entity_poly.pdbx_seq_one_letter_code
_entity_poly.pdbx_strand_id
1 'polypeptide(L)'
;ADGKYAQKLFNDLFEDYSNALRPVEDTDKVLNVTLQITLSQIKDMDERNQILTAYLWIRQIWHDAYLTWDRDQYDGLDSI
RIPSDLVWRPDIVLYNKADDESSEPVNTNVVLRYDGLITWDAPAITKSSCVVDVTYFPFDNQQCNLTFGSWTYNGNQVDI
FNALDSGDLSDFIEDVEWEVHGMPAVKNVISYGCCSEPYPDVTFTLLLKRRSHHHHHH
;
A,B
2 'polypeptide(L)' IVCHTTATSPISAVTCPPGENLCYRKMWCDVFCSSRGKVVELGCAATCPSKKPYEEVTCCSTDKCNPHPKQRPG C,D
#
loop_
_chem_comp.id
_chem_comp.type
_chem_comp.name
_chem_comp.formula
NAG D-saccharide, beta linking 2-acetamido-2-deoxy-beta-D-glucopyranose 'C8 H15 N O6'
#
# COMPACT_ATOMS: atom_id res chain seq x y z
N TYR A 5 -17.13 11.37 -20.77
CA TYR A 5 -16.35 10.77 -19.72
C TYR A 5 -15.38 11.73 -19.11
N ALA A 6 -14.84 11.30 -17.97
CA ALA A 6 -13.91 12.13 -17.23
C ALA A 6 -12.59 12.31 -17.98
N GLN A 7 -12.37 11.59 -19.07
CA GLN A 7 -11.17 11.83 -19.87
C GLN A 7 -11.22 13.19 -20.58
N LYS A 8 -12.39 13.83 -20.66
CA LYS A 8 -12.45 15.18 -21.28
C LYS A 8 -12.50 16.18 -20.14
N LEU A 9 -12.41 15.66 -18.93
CA LEU A 9 -12.05 16.48 -17.81
C LEU A 9 -10.54 16.43 -17.75
N PHE A 10 -10.02 15.22 -17.87
CA PHE A 10 -8.63 14.97 -18.01
C PHE A 10 -8.21 15.43 -19.44
N ASN A 11 -9.05 16.10 -20.23
CA ASN A 11 -8.61 16.46 -21.60
C ASN A 11 -7.21 17.06 -21.59
N ASP A 12 -7.17 18.31 -21.14
CA ASP A 12 -6.92 18.59 -19.73
C ASP A 12 -6.47 19.85 -19.06
N LEU A 13 -6.58 19.60 -17.78
CA LEU A 13 -6.14 20.34 -16.68
C LEU A 13 -4.61 20.39 -16.78
N PHE A 14 -4.05 19.67 -17.76
CA PHE A 14 -2.63 19.41 -17.85
C PHE A 14 -1.96 19.99 -19.15
N GLU A 15 -2.58 20.81 -20.02
CA GLU A 15 -1.74 21.54 -21.03
C GLU A 15 -1.19 22.81 -20.37
N ASP A 16 -2.07 23.49 -19.65
CA ASP A 16 -1.63 24.66 -18.89
C ASP A 16 -1.52 24.20 -17.45
N TYR A 17 -0.50 23.37 -17.25
CA TYR A 17 -0.03 22.85 -15.97
C TYR A 17 0.99 21.74 -16.22
N SER A 18 2.11 21.82 -15.52
CA SER A 18 3.01 20.69 -15.33
C SER A 18 3.58 20.88 -13.93
N ASN A 19 3.91 19.77 -13.28
CA ASN A 19 4.21 19.68 -11.86
C ASN A 19 5.24 20.66 -11.28
N ALA A 20 5.73 21.61 -12.06
CA ALA A 20 6.86 22.38 -11.57
C ALA A 20 6.50 23.50 -10.63
N LEU A 21 5.58 24.35 -11.04
CA LEU A 21 5.33 25.53 -10.25
C LEU A 21 4.10 25.39 -9.37
N ARG A 22 4.25 25.91 -8.15
CA ARG A 22 3.24 25.78 -7.11
C ARG A 22 1.94 26.38 -7.58
N PRO A 23 0.87 25.58 -7.43
CA PRO A 23 -0.49 25.90 -7.91
C PRO A 23 -1.19 26.89 -7.02
N VAL A 24 -0.53 28.00 -6.76
CA VAL A 24 -1.21 29.11 -6.14
C VAL A 24 -1.36 30.16 -7.23
N GLU A 25 -2.35 31.03 -7.04
CA GLU A 25 -2.71 32.10 -7.97
C GLU A 25 -1.55 33.06 -8.29
N ASP A 26 -0.69 33.33 -7.29
CA ASP A 26 0.57 34.05 -7.51
C ASP A 26 1.53 33.68 -6.38
N THR A 27 2.82 33.91 -6.61
CA THR A 27 3.84 33.20 -5.85
C THR A 27 3.89 33.39 -4.31
N ASP A 28 3.84 34.61 -3.79
CA ASP A 28 4.23 34.75 -2.39
C ASP A 28 3.09 34.69 -1.39
N LYS A 29 2.03 34.00 -1.77
CA LYS A 29 1.09 33.50 -0.79
C LYS A 29 1.50 32.05 -0.54
N VAL A 30 0.83 31.37 0.38
CA VAL A 30 1.32 30.06 0.79
C VAL A 30 0.38 28.86 0.51
N LEU A 31 0.95 27.73 0.14
CA LEU A 31 0.20 26.50 -0.08
C LEU A 31 0.33 25.60 1.13
N ASN A 32 -0.70 25.50 1.95
CA ASN A 32 -0.56 24.57 3.05
C ASN A 32 -0.90 23.14 2.68
N VAL A 33 -0.48 22.24 3.56
CA VAL A 33 -0.60 20.82 3.34
C VAL A 33 -0.90 20.16 4.67
N THR A 34 -1.85 19.25 4.64
CA THR A 34 -2.18 18.54 5.85
C THR A 34 -1.44 17.22 5.76
N LEU A 35 -0.76 16.87 6.84
CA LEU A 35 -0.07 15.60 6.84
C LEU A 35 -0.30 14.74 8.04
N GLN A 36 -0.69 13.49 7.75
CA GLN A 36 -0.62 12.44 8.77
C GLN A 36 -0.33 11.01 8.29
N ILE A 37 0.56 10.41 9.07
CA ILE A 37 0.94 9.03 9.03
C ILE A 37 -0.08 8.07 9.66
N THR A 38 -0.22 6.88 9.11
CA THR A 38 -1.00 5.86 9.79
C THR A 38 -0.04 4.69 10.00
N LEU A 39 0.47 4.57 11.23
CA LEU A 39 1.39 3.49 11.55
C LEU A 39 0.65 2.17 11.40
N SER A 40 1.27 1.27 10.65
CA SER A 40 0.73 -0.05 10.38
C SER A 40 1.52 -1.13 11.11
N GLN A 41 2.85 -1.05 11.06
CA GLN A 41 3.64 -2.08 11.69
C GLN A 41 5.05 -1.67 12.00
N ILE A 42 5.47 -2.10 13.20
CA ILE A 42 6.88 -2.16 13.62
C ILE A 42 7.62 -3.37 13.04
N LYS A 43 8.24 -3.20 11.88
CA LYS A 43 8.85 -4.31 11.14
C LYS A 43 10.01 -4.98 11.87
N ASP A 44 10.71 -4.20 12.69
CA ASP A 44 11.86 -4.67 13.41
C ASP A 44 12.33 -3.54 14.30
N MET A 45 12.39 -3.79 15.60
CA MET A 45 13.06 -2.84 16.43
C MET A 45 14.46 -3.35 16.60
N ASP A 46 15.33 -2.94 15.67
CA ASP A 46 16.76 -3.23 15.74
C ASP A 46 17.32 -2.57 16.98
N GLU A 47 17.37 -3.34 18.05
CA GLU A 47 17.79 -2.79 19.32
C GLU A 47 19.24 -2.37 19.28
N ARG A 48 20.13 -3.19 18.68
CA ARG A 48 21.56 -2.99 18.94
C ARG A 48 22.24 -2.00 17.97
N ASN A 49 21.53 -1.59 16.93
CA ASN A 49 21.90 -0.39 16.20
C ASN A 49 21.01 0.82 16.47
N GLN A 50 19.96 0.62 17.29
CA GLN A 50 18.89 1.59 17.54
C GLN A 50 18.25 2.13 16.28
N ILE A 51 17.88 1.23 15.39
CA ILE A 51 17.20 1.61 14.19
C ILE A 51 15.81 1.02 14.29
N LEU A 52 14.79 1.79 13.94
CA LEU A 52 13.46 1.25 13.86
C LEU A 52 13.09 1.12 12.39
N THR A 53 12.62 -0.05 12.01
CA THR A 53 12.09 -0.21 10.70
C THR A 53 10.56 -0.27 10.82
N ALA A 54 9.84 0.44 9.95
CA ALA A 54 8.39 0.53 10.09
C ALA A 54 7.70 0.64 8.74
N TYR A 55 6.52 0.03 8.66
CA TYR A 55 5.68 0.14 7.48
C TYR A 55 4.67 1.22 7.76
N LEU A 56 4.49 2.14 6.82
CA LEU A 56 3.47 3.19 6.99
C LEU A 56 2.73 3.59 5.72
N TRP A 57 1.59 4.23 6.00
CA TRP A 57 0.78 4.97 5.03
C TRP A 57 0.82 6.49 5.37
N ILE A 58 1.00 7.32 4.35
CA ILE A 58 1.26 8.72 4.51
C ILE A 58 0.26 9.54 3.79
N ARG A 59 -0.56 10.22 4.59
CA ARG A 59 -1.61 11.11 4.10
C ARG A 59 -1.13 12.53 3.92
N GLN A 60 -1.27 13.01 2.69
CA GLN A 60 -0.97 14.39 2.35
C GLN A 60 -2.08 15.03 1.57
N ILE A 61 -2.58 16.17 2.02
CA ILE A 61 -3.72 16.79 1.34
C ILE A 61 -3.43 18.26 1.05
N TRP A 62 -3.81 18.73 -0.14
CA TRP A 62 -3.51 20.11 -0.53
C TRP A 62 -4.31 20.57 -1.73
N HIS A 63 -4.37 21.89 -1.94
CA HIS A 63 -5.18 22.44 -3.03
C HIS A 63 -4.32 22.89 -4.18
N ASP A 64 -4.78 22.58 -5.37
CA ASP A 64 -4.13 22.95 -6.61
C ASP A 64 -5.07 23.86 -7.38
N ALA A 65 -4.76 25.14 -7.39
CA ALA A 65 -5.68 26.15 -7.91
C ALA A 65 -5.89 26.01 -9.41
N TYR A 66 -5.03 25.25 -10.06
CA TYR A 66 -5.14 25.07 -11.50
C TYR A 66 -5.93 23.82 -11.96
N LEU A 67 -6.17 22.89 -11.04
CA LEU A 67 -6.92 21.68 -11.36
C LEU A 67 -8.38 21.71 -10.92
N THR A 68 -9.05 22.83 -11.17
CA THR A 68 -10.47 22.97 -10.83
C THR A 68 -11.38 22.89 -12.04
N TRP A 69 -12.51 22.22 -11.85
CA TRP A 69 -13.52 22.17 -12.88
C TRP A 69 -14.88 22.18 -12.24
N ASP A 70 -15.82 22.84 -12.91
CA ASP A 70 -17.18 22.84 -12.46
C ASP A 70 -17.83 21.52 -12.80
N ARG A 71 -18.39 20.86 -11.78
CA ARG A 71 -18.84 19.49 -11.98
C ARG A 71 -20.14 19.37 -12.78
N ASP A 72 -21.15 20.17 -12.44
CA ASP A 72 -22.47 20.12 -13.07
C ASP A 72 -22.34 19.92 -14.58
N GLN A 73 -21.39 20.64 -15.19
CA GLN A 73 -21.31 20.73 -16.64
C GLN A 73 -20.24 19.81 -17.19
N TYR A 74 -19.67 18.96 -16.34
CA TYR A 74 -18.96 17.77 -16.82
C TYR A 74 -19.74 16.51 -16.39
N ASP A 75 -21.04 16.51 -16.67
CA ASP A 75 -21.96 15.46 -16.23
C ASP A 75 -21.84 15.12 -14.73
N GLY A 76 -21.48 16.13 -13.92
CA GLY A 76 -21.43 16.05 -12.47
C GLY A 76 -20.43 15.13 -11.81
N LEU A 77 -19.31 14.90 -12.46
CA LEU A 77 -18.29 14.01 -11.89
C LEU A 77 -17.50 14.75 -10.81
N ASP A 78 -17.61 14.24 -9.59
CA ASP A 78 -17.03 14.88 -8.43
C ASP A 78 -15.52 14.85 -8.54
N SER A 79 -14.94 13.68 -8.68
CA SER A 79 -13.49 13.57 -8.64
C SER A 79 -12.79 12.39 -9.31
N ILE A 80 -11.55 12.60 -9.76
CA ILE A 80 -10.80 11.58 -10.46
C ILE A 80 -9.54 11.16 -9.73
N ARG A 81 -9.11 9.93 -9.97
CA ARG A 81 -7.82 9.47 -9.47
C ARG A 81 -6.81 9.67 -10.57
N ILE A 82 -5.64 10.23 -10.25
CA ILE A 82 -4.57 10.46 -11.24
C ILE A 82 -3.14 10.31 -10.64
N PRO A 83 -2.12 10.05 -11.51
CA PRO A 83 -0.70 9.85 -11.15
C PRO A 83 -0.05 10.92 -10.32
N SER A 84 0.51 10.51 -9.20
CA SER A 84 1.16 11.45 -8.32
C SER A 84 2.32 12.20 -9.00
N ASP A 85 3.07 11.52 -9.86
CA ASP A 85 4.18 12.18 -10.54
C ASP A 85 3.66 13.21 -11.54
N LEU A 86 2.34 13.30 -11.68
CA LEU A 86 1.74 14.11 -12.73
C LEU A 86 1.11 15.35 -12.15
N VAL A 87 1.04 15.40 -10.83
CA VAL A 87 0.58 16.61 -10.20
C VAL A 87 1.67 17.19 -9.34
N TRP A 88 1.63 18.50 -9.11
CA TRP A 88 2.55 19.13 -8.19
C TRP A 88 2.34 18.45 -6.86
N ARG A 89 3.45 18.13 -6.21
CA ARG A 89 3.48 17.55 -4.87
C ARG A 89 4.41 18.38 -3.98
N PRO A 90 4.07 18.50 -2.71
CA PRO A 90 5.06 19.12 -1.85
C PRO A 90 6.14 18.05 -1.69
N ASP A 91 7.36 18.27 -2.17
CA ASP A 91 8.27 17.14 -2.11
C ASP A 91 8.61 16.80 -0.66
N ILE A 92 7.60 16.39 0.10
CA ILE A 92 7.71 16.06 1.52
C ILE A 92 8.29 14.68 1.80
N VAL A 93 9.44 14.69 2.46
CA VAL A 93 10.30 13.53 2.70
C VAL A 93 10.48 13.17 4.18
N LEU A 94 11.37 12.23 4.50
CA LEU A 94 11.69 11.96 5.89
C LEU A 94 13.04 12.65 6.29
N TYR A 95 12.98 13.65 7.16
CA TYR A 95 14.18 14.35 7.69
C TYR A 95 14.98 13.47 8.60
N ASN A 96 14.28 12.66 9.38
CA ASN A 96 14.90 11.81 10.40
C ASN A 96 15.67 10.49 9.91
N LYS A 97 15.61 10.22 8.61
CA LYS A 97 16.07 9.00 7.93
C LYS A 97 17.38 8.41 8.44
N ALA A 98 17.71 7.18 8.06
CA ALA A 98 19.03 6.62 8.36
C ALA A 98 19.62 5.78 7.19
N ASP A 99 18.72 5.26 6.36
CA ASP A 99 19.07 4.44 5.21
C ASP A 99 18.20 4.86 4.02
N PRO A 105 7.89 5.14 -1.05
CA PRO A 105 8.76 4.15 -1.71
C PRO A 105 8.03 3.07 -2.55
N VAL A 106 7.18 3.45 -3.51
CA VAL A 106 6.37 2.59 -4.44
C VAL A 106 5.16 3.42 -4.89
N ASN A 107 5.13 3.79 -6.16
CA ASN A 107 4.31 4.93 -6.58
C ASN A 107 2.79 4.60 -6.68
N THR A 108 1.95 5.60 -6.42
CA THR A 108 0.50 5.44 -6.41
C THR A 108 -0.20 6.68 -6.98
N ASN A 109 -1.51 6.76 -6.76
CA ASN A 109 -2.30 7.80 -7.40
C ASN A 109 -3.16 8.65 -6.45
N VAL A 110 -3.58 9.80 -6.97
CA VAL A 110 -4.21 10.82 -6.12
C VAL A 110 -5.66 11.09 -6.46
N VAL A 111 -6.45 11.28 -5.42
CA VAL A 111 -7.86 11.62 -5.60
C VAL A 111 -8.03 13.12 -5.79
N LEU A 112 -8.06 13.62 -7.02
CA LEU A 112 -8.25 15.07 -7.19
C LEU A 112 -9.71 15.46 -7.21
N ARG A 113 -10.13 16.44 -6.42
CA ARG A 113 -11.56 16.81 -6.35
C ARG A 113 -11.91 17.96 -7.30
N TYR A 114 -13.21 18.24 -7.47
CA TYR A 114 -13.70 19.25 -8.43
C TYR A 114 -13.24 20.64 -7.99
N ASP A 115 -13.08 20.80 -6.68
CA ASP A 115 -12.61 22.05 -6.12
C ASP A 115 -11.09 22.15 -6.08
N GLY A 116 -10.38 21.27 -6.78
CA GLY A 116 -8.93 21.32 -6.88
C GLY A 116 -8.22 20.79 -5.64
N LEU A 117 -8.96 20.09 -4.78
CA LEU A 117 -8.41 19.38 -3.61
C LEU A 117 -7.85 18.00 -3.95
N ILE A 118 -6.66 17.74 -3.46
CA ILE A 118 -5.94 16.51 -3.76
C ILE A 118 -5.63 15.70 -2.52
N THR A 119 -5.95 14.41 -2.60
CA THR A 119 -5.69 13.47 -1.53
C THR A 119 -4.85 12.28 -1.95
N TRP A 120 -3.63 12.27 -1.43
CA TRP A 120 -2.56 11.32 -1.70
C TRP A 120 -2.21 10.50 -0.44
N ASP A 121 -2.70 9.28 -0.34
CA ASP A 121 -2.12 8.34 0.62
C ASP A 121 -1.08 7.52 -0.13
N ALA A 122 -0.07 7.05 0.60
CA ALA A 122 1.05 6.38 -0.06
C ALA A 122 1.87 5.59 0.98
N PRO A 123 2.54 4.52 0.54
CA PRO A 123 3.00 3.77 1.69
C PRO A 123 4.45 3.96 1.85
N ALA A 124 5.02 3.74 3.04
CA ALA A 124 6.44 4.00 3.21
C ALA A 124 7.11 2.90 4.02
N ILE A 125 8.43 2.75 3.78
CA ILE A 125 9.29 2.10 4.75
C ILE A 125 10.33 3.05 5.22
N THR A 126 10.55 3.08 6.54
CA THR A 126 11.47 4.02 7.12
C THR A 126 12.44 3.37 8.10
N LYS A 127 13.71 3.72 7.94
CA LYS A 127 14.68 3.35 8.93
C LYS A 127 15.01 4.66 9.57
N SER A 128 14.71 4.75 10.86
CA SER A 128 14.86 6.02 11.50
C SER A 128 15.60 5.68 12.78
N SER A 129 16.29 6.63 13.39
CA SER A 129 17.07 6.34 14.59
C SER A 129 16.24 6.46 15.83
N CYS A 130 16.53 5.63 16.82
CA CYS A 130 15.81 5.66 18.09
C CYS A 130 16.77 5.93 19.22
N VAL A 131 16.24 6.35 20.37
CA VAL A 131 17.08 6.66 21.53
C VAL A 131 16.49 6.04 22.79
N VAL A 132 17.36 5.55 23.68
CA VAL A 132 16.94 5.13 25.01
C VAL A 132 17.37 6.12 26.05
N ASP A 133 16.54 6.35 27.07
CA ASP A 133 16.98 6.87 28.37
C ASP A 133 15.91 6.27 29.25
N VAL A 134 16.29 5.38 30.14
CA VAL A 134 15.25 4.66 30.84
C VAL A 134 15.08 4.87 32.35
N THR A 135 14.26 5.89 32.66
CA THR A 135 13.01 5.78 33.42
C THR A 135 12.13 6.86 32.77
N TYR A 136 10.89 7.00 33.24
CA TYR A 136 9.61 6.94 32.51
C TYR A 136 9.26 5.44 32.47
N PHE A 137 9.84 4.70 33.42
CA PHE A 137 9.58 3.27 33.60
C PHE A 137 8.08 3.05 33.54
N PRO A 138 7.61 1.94 32.97
CA PRO A 138 8.09 0.63 32.46
C PRO A 138 9.60 0.38 32.16
N PHE A 139 10.11 -0.76 32.67
CA PHE A 139 11.49 -1.29 32.48
C PHE A 139 12.30 -0.65 31.29
N ASP A 140 11.77 -0.68 30.06
CA ASP A 140 12.48 -0.17 28.85
C ASP A 140 11.71 0.71 27.88
N ASN A 141 11.83 2.04 27.93
CA ASN A 141 11.18 2.76 26.86
C ASN A 141 12.23 3.16 25.83
N GLN A 142 11.77 3.19 24.59
CA GLN A 142 12.58 3.53 23.44
C GLN A 142 11.84 4.62 22.70
N GLN A 143 12.56 5.67 22.34
CA GLN A 143 11.88 6.76 21.69
C GLN A 143 12.26 6.75 20.25
N CYS A 144 11.30 6.78 19.38
CA CYS A 144 11.68 6.79 17.99
C CYS A 144 10.99 7.95 17.37
N ASN A 145 11.73 8.94 16.92
CA ASN A 145 11.06 10.11 16.38
C ASN A 145 10.99 9.95 14.93
N LEU A 146 9.94 10.47 14.33
CA LEU A 146 9.87 10.48 12.88
C LEU A 146 9.63 11.90 12.41
N THR A 147 10.65 12.51 11.84
CA THR A 147 10.45 13.89 11.48
C THR A 147 10.24 14.18 10.00
N PHE A 148 9.08 14.71 9.64
CA PHE A 148 8.82 14.95 8.21
C PHE A 148 8.84 16.41 7.86
N GLY A 149 9.45 16.74 6.72
CA GLY A 149 9.28 18.08 6.21
C GLY A 149 9.64 18.14 4.75
N SER A 150 9.34 19.23 4.06
CA SER A 150 9.60 19.29 2.64
C SER A 150 11.03 19.21 2.27
N TRP A 151 11.29 18.83 1.03
CA TRP A 151 12.70 18.68 0.62
C TRP A 151 13.18 19.92 -0.06
N THR A 152 12.25 20.72 -0.59
CA THR A 152 12.65 21.84 -1.43
C THR A 152 11.99 23.22 -1.13
N TYR A 153 11.13 23.30 -0.11
CA TYR A 153 10.27 24.48 0.13
C TYR A 153 10.13 24.96 1.61
N ASN A 154 10.54 26.21 1.91
CA ASN A 154 10.28 26.85 3.22
C ASN A 154 8.80 26.96 3.56
N GLY A 155 8.52 27.17 4.84
CA GLY A 155 7.16 27.49 5.27
C GLY A 155 6.52 28.71 4.60
N ASN A 156 7.29 29.41 3.77
CA ASN A 156 6.82 30.63 3.11
C ASN A 156 6.42 30.31 1.68
N GLN A 157 6.77 29.10 1.26
CA GLN A 157 6.21 28.53 0.04
C GLN A 157 5.21 27.44 0.40
N VAL A 158 5.56 26.61 1.37
CA VAL A 158 4.72 25.50 1.80
C VAL A 158 4.72 25.31 3.33
N ASP A 159 3.58 25.47 3.99
CA ASP A 159 3.54 25.22 5.44
C ASP A 159 2.89 23.87 5.59
N ILE A 160 3.31 23.09 6.58
CA ILE A 160 2.79 21.74 6.67
C ILE A 160 2.25 21.45 8.07
N PHE A 161 0.96 21.07 8.13
CA PHE A 161 0.24 20.78 9.38
C PHE A 161 -0.12 19.29 9.60
N ASN A 162 0.04 18.81 10.83
CA ASN A 162 -0.53 17.52 11.22
C ASN A 162 -2.07 17.51 11.32
N ALA A 163 -2.69 16.43 10.85
CA ALA A 163 -4.16 16.29 10.89
C ALA A 163 -4.69 16.23 12.32
N LEU A 164 -3.88 15.67 13.21
CA LEU A 164 -4.08 15.81 14.64
C LEU A 164 -2.81 15.48 15.41
N ASP A 165 -2.88 15.84 16.68
CA ASP A 165 -1.77 15.87 17.60
C ASP A 165 -1.54 14.46 18.16
N SER A 166 -1.83 13.47 17.34
CA SER A 166 -1.35 12.13 17.60
C SER A 166 -1.08 11.60 16.25
N GLY A 167 -0.21 10.60 16.19
CA GLY A 167 -0.05 9.88 14.96
C GLY A 167 -1.05 8.76 15.07
N ASP A 168 -1.82 8.61 14.00
CA ASP A 168 -2.86 7.57 13.93
C ASP A 168 -2.39 6.15 14.21
N LEU A 169 -2.78 5.61 15.37
CA LEU A 169 -2.62 4.20 15.63
C LEU A 169 -3.75 3.43 14.94
N SER A 170 -5.00 3.73 15.31
CA SER A 170 -6.22 3.01 14.86
C SER A 170 -6.01 1.71 14.09
N ASP A 171 -5.39 1.78 12.90
CA ASP A 171 -5.01 0.56 12.17
C ASP A 171 -3.58 0.15 12.48
N PHE A 172 -3.18 0.37 13.73
CA PHE A 172 -1.93 -0.15 14.23
C PHE A 172 -2.14 -1.61 14.57
N ILE A 173 -1.06 -2.38 14.43
CA ILE A 173 -1.14 -3.83 14.40
C ILE A 173 -0.20 -4.39 15.49
N GLU A 174 -0.72 -4.38 16.72
CA GLU A 174 -0.08 -4.80 17.98
C GLU A 174 1.07 -5.85 17.94
N ASP A 175 2.30 -5.38 17.77
CA ASP A 175 3.44 -6.27 17.80
C ASP A 175 3.55 -6.99 19.14
N VAL A 176 4.20 -8.14 19.14
CA VAL A 176 4.18 -9.04 20.29
C VAL A 176 5.21 -8.65 21.35
N GLU A 177 6.35 -8.09 20.93
CA GLU A 177 7.30 -7.60 21.93
C GLU A 177 7.28 -6.07 22.02
N TRP A 178 6.74 -5.32 21.07
CA TRP A 178 6.82 -3.85 21.23
C TRP A 178 5.44 -3.10 21.25
N GLU A 179 5.28 -2.26 22.28
CA GLU A 179 3.97 -1.70 22.70
C GLU A 179 3.85 -0.21 22.57
N VAL A 180 3.18 0.26 21.53
CA VAL A 180 2.98 1.68 21.38
C VAL A 180 2.17 2.23 22.52
N HIS A 181 2.86 3.04 23.33
CA HIS A 181 2.28 3.75 24.44
C HIS A 181 1.82 5.13 24.04
N GLY A 182 2.58 5.78 23.17
CA GLY A 182 2.13 7.06 22.67
C GLY A 182 2.64 7.30 21.28
N MET A 183 1.95 8.11 20.49
CA MET A 183 2.56 8.65 19.27
C MET A 183 2.19 10.12 19.01
N PRO A 184 2.49 11.01 19.96
CA PRO A 184 2.06 12.42 19.83
C PRO A 184 2.73 13.14 18.66
N ALA A 185 2.11 14.17 18.10
CA ALA A 185 2.79 14.94 17.05
C ALA A 185 3.08 16.31 17.60
N VAL A 186 4.09 16.97 17.02
CA VAL A 186 4.63 18.28 17.40
C VAL A 186 5.07 19.06 16.17
N LYS A 187 4.84 20.36 16.13
CA LYS A 187 5.21 21.06 14.91
C LYS A 187 6.31 22.06 15.18
N ASN A 188 7.43 21.94 14.49
CA ASN A 188 8.52 22.87 14.73
C ASN A 188 8.98 23.55 13.45
N VAL A 189 9.80 24.57 13.62
CA VAL A 189 10.48 25.17 12.48
C VAL A 189 11.92 24.95 12.70
N ILE A 190 12.64 24.78 11.58
CA ILE A 190 14.08 24.69 11.58
C ILE A 190 14.64 25.82 10.73
N SER A 191 15.57 26.50 11.35
CA SER A 191 16.15 27.74 10.86
C SER A 191 17.08 27.62 9.66
N TYR A 192 18.17 26.86 9.78
CA TYR A 192 19.12 26.60 8.67
C TYR A 192 19.87 27.81 8.13
N GLY A 193 21.14 27.90 8.50
CA GLY A 193 21.90 29.11 8.27
C GLY A 193 22.05 29.51 6.82
N CYS A 194 21.52 28.70 5.91
CA CYS A 194 21.79 28.94 4.50
C CYS A 194 21.06 30.21 4.11
N CYS A 195 19.84 30.31 4.61
CA CYS A 195 18.90 31.37 4.27
C CYS A 195 17.66 31.03 5.12
N SER A 196 16.42 30.93 4.63
CA SER A 196 15.54 31.82 3.86
C SER A 196 14.24 31.41 4.46
N GLU A 197 13.84 32.00 5.58
CA GLU A 197 12.60 31.65 6.26
C GLU A 197 12.82 30.29 6.97
N PRO A 198 11.95 29.94 7.93
CA PRO A 198 12.16 28.60 8.50
C PRO A 198 11.53 27.45 7.74
N TYR A 199 11.93 26.25 8.13
CA TYR A 199 11.49 25.02 7.47
C TYR A 199 10.62 24.32 8.48
N PRO A 200 9.32 24.24 8.18
CA PRO A 200 8.31 23.61 9.04
C PRO A 200 8.52 22.13 9.03
N ASP A 201 8.32 21.50 10.17
CA ASP A 201 8.49 20.05 10.19
C ASP A 201 7.64 19.44 11.30
N VAL A 202 6.95 18.34 10.99
CA VAL A 202 6.20 17.66 12.06
C VAL A 202 6.96 16.43 12.47
N THR A 203 6.83 16.12 13.75
CA THR A 203 7.51 15.02 14.38
C THR A 203 6.56 14.11 15.10
N PHE A 204 6.30 12.99 14.46
CA PHE A 204 5.64 11.92 15.15
C PHE A 204 6.65 11.19 16.03
N THR A 205 6.31 11.04 17.29
CA THR A 205 7.22 10.56 18.31
C THR A 205 6.72 9.29 18.93
N LEU A 206 7.41 8.19 18.71
CA LEU A 206 6.83 6.90 19.05
C LEU A 206 7.48 6.34 20.29
N LEU A 207 6.66 5.95 21.26
CA LEU A 207 7.21 5.44 22.50
C LEU A 207 6.69 4.05 22.78
N LEU A 208 7.61 3.11 22.93
CA LEU A 208 7.25 1.70 23.05
C LEU A 208 7.71 1.18 24.44
N LYS A 209 7.22 0.01 24.90
CA LYS A 209 7.93 -0.77 25.94
C LYS A 209 7.83 -2.35 25.67
N ARG A 210 8.18 -3.25 26.60
CA ARG A 210 7.97 -4.68 26.48
C ARG A 210 7.90 -5.62 27.78
N ARG A 211 6.86 -6.43 27.76
CA ARG A 211 6.41 -7.57 28.61
C ARG A 211 7.51 -8.62 28.74
N SER A 212 7.80 -8.94 29.99
CA SER A 212 8.83 -9.88 30.40
C SER A 212 8.22 -10.69 31.56
N TYR B 5 14.27 12.50 -20.97
CA TYR B 5 14.59 11.10 -20.70
C TYR B 5 13.43 10.19 -21.09
N ALA B 6 12.53 9.97 -20.13
CA ALA B 6 11.44 8.99 -20.17
C ALA B 6 10.49 9.30 -21.29
N GLN B 7 10.69 10.45 -21.93
CA GLN B 7 10.02 10.82 -23.17
C GLN B 7 8.58 10.31 -23.17
N LYS B 8 8.14 9.74 -24.26
CA LYS B 8 7.28 8.60 -24.11
C LYS B 8 7.64 7.57 -25.19
N LEU B 9 8.28 6.46 -24.74
CA LEU B 9 8.29 5.15 -25.40
C LEU B 9 7.20 4.40 -24.68
N PHE B 10 6.51 5.16 -23.83
CA PHE B 10 5.08 5.04 -23.53
C PHE B 10 4.37 5.43 -24.85
N ASN B 11 5.22 5.71 -25.84
CA ASN B 11 4.98 6.33 -27.13
C ASN B 11 3.66 6.05 -27.78
N ASP B 12 3.68 5.10 -28.67
CA ASP B 12 2.46 4.60 -29.16
C ASP B 12 2.67 3.10 -29.14
N LEU B 13 3.15 2.74 -27.96
CA LEU B 13 2.84 1.48 -27.36
C LEU B 13 1.35 1.61 -27.05
N PHE B 14 0.87 2.86 -27.06
CA PHE B 14 -0.46 3.22 -26.63
C PHE B 14 -1.34 3.99 -27.64
N GLU B 15 -0.91 4.09 -28.90
CA GLU B 15 -1.81 4.55 -29.96
C GLU B 15 -2.64 3.37 -30.38
N ASP B 16 -1.95 2.29 -30.69
CA ASP B 16 -2.60 1.07 -31.09
C ASP B 16 -2.53 0.15 -29.89
N TYR B 17 -3.19 0.58 -28.82
CA TYR B 17 -3.27 -0.28 -27.66
C TYR B 17 -4.64 -0.06 -27.03
N SER B 18 -5.25 -1.14 -26.59
CA SER B 18 -6.36 -1.00 -25.68
C SER B 18 -6.24 -2.08 -24.66
N ASN B 19 -6.77 -1.81 -23.49
CA ASN B 19 -6.53 -2.70 -22.41
C ASN B 19 -7.68 -3.72 -22.35
N ALA B 20 -8.45 -3.76 -23.43
CA ALA B 20 -9.59 -4.65 -23.54
C ALA B 20 -9.20 -6.05 -24.04
N LEU B 21 -8.41 -6.13 -25.11
CA LEU B 21 -8.10 -7.45 -25.68
C LEU B 21 -6.72 -7.95 -25.27
N ARG B 22 -6.70 -9.22 -24.94
CA ARG B 22 -5.60 -9.95 -24.37
C ARG B 22 -4.36 -9.87 -25.24
N PRO B 23 -3.22 -9.56 -24.64
CA PRO B 23 -1.94 -9.36 -25.33
C PRO B 23 -1.23 -10.64 -25.75
N VAL B 24 -1.90 -11.58 -26.43
CA VAL B 24 -1.16 -12.70 -27.02
C VAL B 24 -1.17 -12.52 -28.55
N GLU B 25 -0.13 -13.09 -29.17
CA GLU B 25 0.18 -12.96 -30.60
C GLU B 25 -0.99 -13.41 -31.49
N ASP B 26 -1.79 -14.38 -31.05
CA ASP B 26 -3.10 -14.62 -31.71
C ASP B 26 -3.98 -15.35 -30.71
N THR B 27 -5.27 -15.41 -31.01
CA THR B 27 -6.30 -15.56 -29.99
C THR B 27 -6.17 -16.78 -29.08
N ASP B 28 -5.86 -17.95 -29.64
CA ASP B 28 -6.00 -19.16 -28.83
C ASP B 28 -4.72 -19.62 -28.15
N LYS B 29 -3.81 -18.71 -27.84
CA LYS B 29 -2.85 -19.05 -26.80
C LYS B 29 -3.36 -18.55 -25.47
N VAL B 30 -2.63 -18.90 -24.42
CA VAL B 30 -3.08 -18.58 -23.10
C VAL B 30 -2.07 -17.64 -22.47
N LEU B 31 -2.58 -16.73 -21.67
CA LEU B 31 -1.75 -15.85 -20.88
C LEU B 31 -1.72 -16.41 -19.47
N ASN B 32 -0.63 -17.05 -19.06
CA ASN B 32 -0.66 -17.55 -17.71
C ASN B 32 -0.24 -16.43 -16.74
N VAL B 33 -0.55 -16.58 -15.45
CA VAL B 33 -0.36 -15.48 -14.51
C VAL B 33 0.11 -15.99 -13.16
N THR B 34 1.12 -15.32 -12.61
CA THR B 34 1.72 -15.73 -11.36
C THR B 34 1.11 -14.89 -10.30
N LEU B 35 0.71 -15.52 -9.23
CA LEU B 35 -0.02 -14.82 -8.18
C LEU B 35 0.55 -15.09 -6.83
N GLN B 36 0.73 -14.04 -6.03
CA GLN B 36 1.29 -14.28 -4.72
C GLN B 36 0.62 -13.32 -3.74
N ILE B 37 -0.11 -13.93 -2.82
CA ILE B 37 -0.68 -13.20 -1.72
C ILE B 37 0.49 -13.05 -0.79
N THR B 38 0.69 -11.83 -0.29
CA THR B 38 1.66 -11.57 0.75
C THR B 38 0.84 -10.97 1.86
N LEU B 39 0.56 -11.76 2.87
CA LEU B 39 -0.20 -11.30 4.02
C LEU B 39 0.53 -10.29 4.90
N SER B 40 -0.18 -9.26 5.31
CA SER B 40 0.40 -8.31 6.25
C SER B 40 -0.26 -8.43 7.63
N GLN B 41 -1.59 -8.46 7.67
CA GLN B 41 -2.28 -8.52 8.95
C GLN B 41 -3.73 -9.01 8.95
N ILE B 42 -4.08 -9.67 10.05
CA ILE B 42 -5.46 -9.91 10.45
C ILE B 42 -6.11 -8.73 11.22
N LYS B 43 -6.79 -7.80 10.53
CA LYS B 43 -7.39 -6.62 11.20
C LYS B 43 -8.48 -7.02 12.18
N ASP B 44 -9.14 -8.11 11.91
CA ASP B 44 -10.23 -8.53 12.74
C ASP B 44 -10.64 -9.93 12.32
N MET B 45 -10.58 -10.82 13.30
CA MET B 45 -11.18 -12.12 13.14
C MET B 45 -12.53 -12.00 13.86
N ASP B 46 -13.55 -11.55 13.14
CA ASP B 46 -14.92 -11.49 13.67
C ASP B 46 -15.33 -12.92 14.01
N GLU B 47 -15.19 -13.28 15.28
CA GLU B 47 -15.52 -14.65 15.62
C GLU B 47 -16.99 -14.98 15.44
N ARG B 48 -17.91 -14.18 15.98
CA ARG B 48 -19.28 -14.68 16.05
C ARG B 48 -20.04 -14.35 14.78
N ASN B 49 -19.40 -13.63 13.87
CA ASN B 49 -19.93 -13.54 12.52
C ASN B 49 -19.16 -14.42 11.58
N GLN B 50 -18.11 -15.05 12.09
CA GLN B 50 -17.16 -15.85 11.31
C GLN B 50 -16.66 -15.12 10.10
N ILE B 51 -16.27 -13.87 10.26
CA ILE B 51 -15.74 -13.14 9.13
C ILE B 51 -14.29 -12.83 9.46
N LEU B 52 -13.40 -12.99 8.48
CA LEU B 52 -12.02 -12.59 8.64
C LEU B 52 -11.79 -11.29 7.89
N THR B 53 -11.17 -10.32 8.55
CA THR B 53 -10.82 -9.11 7.86
C THR B 53 -9.29 -9.05 7.71
N ALA B 54 -8.81 -8.72 6.52
CA ALA B 54 -7.38 -8.75 6.31
C ALA B 54 -6.84 -7.66 5.39
N TYR B 55 -5.62 -7.23 5.69
CA TYR B 55 -4.81 -6.38 4.84
C TYR B 55 -3.81 -7.27 4.07
N LEU B 56 -3.71 -7.08 2.75
CA LEU B 56 -2.79 -7.87 1.94
C LEU B 56 -2.11 -7.04 0.84
N TRP B 57 -1.02 -7.58 0.30
CA TRP B 57 -0.36 -7.09 -0.91
C TRP B 57 -0.46 -8.19 -1.91
N ILE B 58 -0.79 -7.88 -3.16
CA ILE B 58 -1.12 -8.90 -4.12
C ILE B 58 -0.34 -8.74 -5.41
N ARG B 59 0.66 -9.61 -5.57
CA ARG B 59 1.49 -9.59 -6.75
C ARG B 59 0.94 -10.43 -7.90
N GLN B 60 0.80 -9.81 -9.06
CA GLN B 60 0.36 -10.47 -10.27
C GLN B 60 1.37 -10.15 -11.34
N ILE B 61 1.80 -11.18 -12.07
CA ILE B 61 2.79 -11.02 -13.13
C ILE B 61 2.37 -11.78 -14.35
N TRP B 62 2.60 -11.18 -15.51
CA TRP B 62 2.17 -11.70 -16.80
C TRP B 62 2.83 -10.91 -17.91
N HIS B 63 2.77 -11.41 -19.13
CA HIS B 63 3.37 -10.75 -20.28
C HIS B 63 2.39 -10.03 -21.21
N ASP B 64 2.78 -8.86 -21.68
CA ASP B 64 2.02 -8.16 -22.71
C ASP B 64 2.89 -8.06 -23.95
N ALA B 65 2.59 -8.89 -24.95
CA ALA B 65 3.47 -9.03 -26.11
C ALA B 65 3.52 -7.75 -26.95
N TYR B 66 2.58 -6.85 -26.70
CA TYR B 66 2.47 -5.61 -27.47
C TYR B 66 3.28 -4.46 -26.85
N LEU B 67 3.68 -4.62 -25.59
CA LEU B 67 4.50 -3.61 -24.91
C LEU B 67 5.99 -3.95 -25.02
N THR B 68 6.42 -4.24 -26.23
CA THR B 68 7.81 -4.58 -26.45
C THR B 68 8.57 -3.42 -27.05
N TRP B 69 9.76 -3.22 -26.50
CA TRP B 69 10.73 -2.34 -27.10
C TRP B 69 12.07 -2.92 -26.74
N ASP B 70 13.01 -2.93 -27.67
CA ASP B 70 14.35 -3.34 -27.32
C ASP B 70 15.07 -2.16 -26.67
N ARG B 71 15.70 -2.42 -25.53
CA ARG B 71 16.28 -1.39 -24.66
C ARG B 71 17.45 -0.71 -25.36
N ASP B 72 18.25 -1.49 -26.09
CA ASP B 72 19.50 -1.05 -26.71
C ASP B 72 19.46 0.39 -27.15
N GLN B 73 18.42 0.70 -27.91
CA GLN B 73 18.43 1.90 -28.71
C GLN B 73 17.53 2.98 -28.16
N TYR B 74 16.96 2.78 -26.99
CA TYR B 74 16.51 3.96 -26.28
C TYR B 74 17.29 4.12 -25.00
N ASP B 75 18.57 4.41 -25.18
CA ASP B 75 19.46 4.66 -24.06
C ASP B 75 19.46 3.53 -23.06
N GLY B 76 19.17 2.32 -23.56
CA GLY B 76 19.20 1.11 -22.78
C GLY B 76 18.18 1.02 -21.66
N LEU B 77 17.02 1.64 -21.82
CA LEU B 77 16.07 1.71 -20.70
C LEU B 77 15.32 0.42 -20.42
N ASP B 78 15.65 -0.17 -19.27
CA ASP B 78 15.15 -1.47 -18.80
C ASP B 78 13.69 -1.53 -18.36
N SER B 79 13.27 -0.58 -17.52
CA SER B 79 11.93 -0.62 -16.94
C SER B 79 11.28 0.72 -16.72
N ILE B 80 9.97 0.75 -16.89
CA ILE B 80 9.22 1.95 -16.63
C ILE B 80 8.03 1.58 -15.75
N ARG B 81 7.66 2.50 -14.87
CA ARG B 81 6.48 2.32 -14.06
C ARG B 81 5.32 3.05 -14.73
N ILE B 82 4.18 2.39 -14.87
CA ILE B 82 3.02 3.01 -15.49
C ILE B 82 1.72 2.55 -14.82
N PRO B 83 0.65 3.36 -14.94
CA PRO B 83 -0.64 3.02 -14.32
C PRO B 83 -1.25 1.69 -14.71
N SER B 84 -1.64 0.94 -13.69
CA SER B 84 -2.41 -0.28 -13.86
C SER B 84 -3.69 0.01 -14.65
N ASP B 85 -4.17 1.23 -14.51
CA ASP B 85 -5.41 1.66 -15.14
C ASP B 85 -5.24 1.66 -16.65
N LEU B 86 -4.02 1.52 -17.13
CA LEU B 86 -3.83 1.72 -18.55
C LEU B 86 -3.34 0.48 -19.34
N VAL B 87 -3.18 -0.66 -18.68
CA VAL B 87 -2.81 -1.89 -19.42
C VAL B 87 -3.92 -2.95 -19.41
N TRP B 88 -3.97 -3.86 -20.42
CA TRP B 88 -4.98 -4.98 -20.48
C TRP B 88 -4.92 -5.77 -19.28
N ARG B 89 -5.91 -6.06 -18.47
CA ARG B 89 -5.50 -6.83 -17.29
C ARG B 89 -6.37 -7.92 -16.72
N PRO B 90 -5.73 -8.94 -16.16
CA PRO B 90 -6.52 -10.08 -15.67
C PRO B 90 -7.41 -9.65 -14.51
N ASP B 91 -8.70 -9.77 -14.73
CA ASP B 91 -9.67 -9.30 -13.79
C ASP B 91 -9.65 -10.26 -12.60
N ILE B 92 -8.54 -10.32 -11.87
CA ILE B 92 -8.46 -11.25 -10.75
C ILE B 92 -9.08 -10.76 -9.46
N VAL B 93 -10.18 -11.39 -9.06
CA VAL B 93 -10.85 -10.94 -7.85
C VAL B 93 -10.85 -12.01 -6.73
N LEU B 94 -11.31 -11.63 -5.56
CA LEU B 94 -11.52 -12.61 -4.52
C LEU B 94 -12.89 -13.18 -4.76
N TYR B 95 -12.91 -14.46 -5.14
CA TYR B 95 -14.09 -15.27 -5.38
C TYR B 95 -14.85 -15.50 -4.09
N ASN B 96 -14.05 -15.67 -3.02
CA ASN B 96 -14.50 -16.04 -1.67
C ASN B 96 -15.09 -14.88 -0.77
N LYS B 97 -15.12 -13.65 -1.32
CA LYS B 97 -15.53 -12.39 -0.65
C LYS B 97 -16.73 -12.52 0.28
N ALA B 98 -16.97 -11.51 1.13
CA ALA B 98 -18.16 -11.54 1.99
C ALA B 98 -18.91 -10.22 1.97
N ASP B 99 -18.27 -9.16 1.51
CA ASP B 99 -18.87 -7.83 1.49
C ASP B 99 -18.57 -7.19 0.13
N PRO B 105 -8.39 -1.80 -4.16
CA PRO B 105 -9.22 -0.78 -3.51
C PRO B 105 -8.34 0.42 -3.13
N VAL B 106 -7.54 0.86 -4.11
CA VAL B 106 -6.53 1.94 -4.02
C VAL B 106 -5.56 1.76 -5.18
N ASN B 107 -5.79 2.46 -6.30
CA ASN B 107 -5.09 2.04 -7.49
C ASN B 107 -3.64 2.49 -7.43
N THR B 108 -2.79 1.72 -8.11
CA THR B 108 -1.36 1.84 -8.07
C THR B 108 -0.83 1.67 -9.48
N ASN B 109 0.47 1.44 -9.58
CA ASN B 109 1.07 1.41 -10.89
C ASN B 109 1.85 0.12 -11.13
N VAL B 110 2.11 -0.17 -12.40
CA VAL B 110 2.67 -1.47 -12.75
C VAL B 110 4.04 -1.24 -13.41
N VAL B 111 4.99 -2.09 -13.08
CA VAL B 111 6.30 -2.04 -13.67
C VAL B 111 6.39 -2.88 -14.95
N LEU B 112 6.27 -2.22 -16.10
CA LEU B 112 6.43 -2.88 -17.39
C LEU B 112 7.92 -2.98 -17.74
N ARG B 113 8.36 -4.15 -18.19
CA ARG B 113 9.76 -4.33 -18.57
C ARG B 113 9.91 -4.19 -20.08
N TYR B 114 11.16 -4.15 -20.57
CA TYR B 114 11.42 -3.97 -22.01
C TYR B 114 10.94 -5.16 -22.83
N ASP B 115 10.98 -6.35 -22.23
CA ASP B 115 10.52 -7.56 -22.88
C ASP B 115 9.02 -7.73 -22.66
N GLY B 116 8.39 -6.68 -22.14
CA GLY B 116 6.95 -6.69 -21.98
C GLY B 116 6.40 -7.45 -20.78
N LEU B 117 7.26 -7.67 -19.77
CA LEU B 117 6.83 -8.28 -18.52
C LEU B 117 6.18 -7.24 -17.63
N ILE B 118 5.02 -7.55 -17.06
CA ILE B 118 4.36 -6.55 -16.27
C ILE B 118 4.23 -6.95 -14.80
N THR B 119 4.65 -6.07 -13.91
CA THR B 119 4.61 -6.39 -12.50
C THR B 119 3.69 -5.50 -11.67
N TRP B 120 2.60 -6.10 -11.23
CA TRP B 120 1.57 -5.40 -10.51
C TRP B 120 1.51 -5.85 -9.06
N ASP B 121 2.12 -5.05 -8.18
CA ASP B 121 1.84 -5.16 -6.76
C ASP B 121 0.71 -4.20 -6.43
N ALA B 122 -0.10 -4.54 -5.44
CA ALA B 122 -1.24 -3.70 -5.09
C ALA B 122 -1.80 -4.08 -3.72
N PRO B 123 -2.47 -3.14 -3.05
CA PRO B 123 -2.84 -3.51 -1.68
C PRO B 123 -4.30 -3.86 -1.61
N ALA B 124 -4.70 -4.60 -0.58
CA ALA B 124 -6.05 -5.06 -0.53
C ALA B 124 -6.63 -5.15 0.88
N ILE B 125 -7.95 -5.00 0.97
CA ILE B 125 -8.68 -5.47 2.14
C ILE B 125 -9.74 -6.58 1.74
N THR B 126 -9.85 -7.60 2.61
CA THR B 126 -10.76 -8.68 2.30
C THR B 126 -11.60 -9.12 3.47
N LYS B 127 -12.87 -9.32 3.19
CA LYS B 127 -13.74 -9.95 4.15
C LYS B 127 -14.16 -11.26 3.52
N SER B 128 -13.79 -12.35 4.17
CA SER B 128 -14.07 -13.66 3.61
C SER B 128 -14.66 -14.49 4.73
N SER B 129 -15.46 -15.50 4.37
CA SER B 129 -16.06 -16.23 5.45
C SER B 129 -15.12 -17.36 5.84
N CYS B 130 -15.04 -17.61 7.13
CA CYS B 130 -14.18 -18.64 7.70
C CYS B 130 -14.96 -19.77 8.34
N VAL B 131 -14.29 -20.87 8.66
CA VAL B 131 -14.97 -22.01 9.29
C VAL B 131 -14.18 -22.48 10.51
N VAL B 132 -14.92 -23.05 11.47
CA VAL B 132 -14.40 -23.67 12.68
C VAL B 132 -14.02 -25.13 12.40
N ASP B 133 -13.11 -25.63 13.22
CA ASP B 133 -12.54 -26.94 13.12
C ASP B 133 -12.27 -27.54 14.53
N VAL B 134 -12.85 -28.70 14.82
CA VAL B 134 -12.49 -29.42 16.05
C VAL B 134 -11.69 -30.66 15.59
N THR B 135 -10.60 -30.40 14.86
CA THR B 135 -9.64 -31.34 14.23
C THR B 135 -8.33 -30.60 14.47
N TYR B 136 -7.16 -31.23 14.38
CA TYR B 136 -5.91 -30.47 14.27
C TYR B 136 -5.62 -29.80 15.61
N PHE B 137 -5.01 -30.53 16.53
CA PHE B 137 -4.69 -30.05 17.88
C PHE B 137 -4.14 -28.62 17.88
N PRO B 138 -4.66 -27.73 18.75
CA PRO B 138 -5.71 -27.78 19.78
C PRO B 138 -7.06 -27.89 19.05
N PHE B 139 -8.20 -27.76 19.71
CA PHE B 139 -9.42 -27.84 18.92
C PHE B 139 -10.40 -26.65 19.01
N ASP B 140 -9.82 -25.48 18.74
CA ASP B 140 -10.52 -24.21 18.73
C ASP B 140 -10.28 -23.72 17.32
N ASN B 141 -10.44 -24.60 16.36
CA ASN B 141 -9.78 -24.18 15.17
C ASN B 141 -10.65 -23.61 14.07
N GLN B 142 -10.06 -22.62 13.41
CA GLN B 142 -10.66 -21.75 12.43
C GLN B 142 -9.88 -21.75 11.13
N GLN B 143 -10.56 -22.09 10.04
CA GLN B 143 -9.94 -22.17 8.73
C GLN B 143 -10.48 -21.01 7.89
N CYS B 144 -9.56 -20.30 7.24
CA CYS B 144 -9.99 -19.24 6.34
C CYS B 144 -9.42 -19.46 4.95
N ASN B 145 -10.28 -19.69 3.99
CA ASN B 145 -9.81 -19.85 2.63
C ASN B 145 -9.86 -18.50 2.00
N LEU B 146 -8.90 -18.20 1.15
CA LEU B 146 -9.00 -17.01 0.33
C LEU B 146 -8.80 -17.42 -1.12
N THR B 147 -9.89 -17.45 -1.88
CA THR B 147 -9.81 -17.92 -3.26
C THR B 147 -9.82 -16.77 -4.30
N PHE B 148 -8.76 -16.73 -5.11
CA PHE B 148 -8.54 -15.71 -6.13
C PHE B 148 -8.65 -16.38 -7.47
N GLY B 149 -9.32 -15.73 -8.41
CA GLY B 149 -9.31 -16.23 -9.78
C GLY B 149 -9.74 -15.07 -10.65
N SER B 150 -9.73 -15.24 -11.97
CA SER B 150 -10.19 -14.20 -12.86
C SER B 150 -11.74 -14.04 -12.80
N TRP B 151 -12.23 -12.84 -13.10
CA TRP B 151 -13.66 -12.61 -13.06
C TRP B 151 -14.25 -12.81 -14.43
N THR B 152 -13.41 -12.71 -15.47
CA THR B 152 -13.95 -12.75 -16.85
C THR B 152 -13.19 -13.68 -17.81
N TYR B 153 -12.22 -14.44 -17.31
CA TYR B 153 -11.36 -15.21 -18.22
C TYR B 153 -11.19 -16.68 -17.78
N ASN B 154 -11.67 -17.60 -18.63
CA ASN B 154 -11.49 -19.05 -18.48
C ASN B 154 -10.03 -19.48 -18.47
N GLY B 155 -9.73 -20.68 -17.95
CA GLY B 155 -8.39 -21.27 -18.02
C GLY B 155 -7.83 -21.44 -19.42
N ASN B 156 -8.67 -21.15 -20.42
CA ASN B 156 -8.25 -21.24 -21.80
C ASN B 156 -7.90 -19.88 -22.42
N GLN B 157 -8.23 -18.80 -21.75
CA GLN B 157 -7.60 -17.56 -22.11
C GLN B 157 -6.57 -17.16 -21.03
N VAL B 158 -6.87 -17.37 -19.74
CA VAL B 158 -5.84 -17.12 -18.73
C VAL B 158 -5.76 -18.18 -17.59
N ASP B 159 -4.57 -18.74 -17.40
CA ASP B 159 -4.34 -19.68 -16.31
C ASP B 159 -3.58 -18.95 -15.22
N ILE B 160 -3.90 -19.21 -13.97
CA ILE B 160 -3.30 -18.44 -12.92
C ILE B 160 -2.67 -19.43 -11.95
N PHE B 161 -1.35 -19.31 -11.78
CA PHE B 161 -0.59 -20.21 -10.93
C PHE B 161 -0.11 -19.49 -9.69
N ASN B 162 -0.15 -20.17 -8.55
CA ASN B 162 0.51 -19.64 -7.37
C ASN B 162 2.02 -19.60 -7.59
N ALA B 163 2.65 -18.50 -7.17
CA ALA B 163 4.11 -18.40 -7.32
C ALA B 163 4.84 -19.37 -6.41
N LEU B 164 4.28 -19.65 -5.23
CA LEU B 164 4.77 -20.78 -4.43
C LEU B 164 3.76 -21.27 -3.38
N ASP B 165 4.07 -22.43 -2.79
CA ASP B 165 3.10 -23.21 -2.02
C ASP B 165 2.89 -22.69 -0.61
N SER B 166 3.04 -21.38 -0.47
CA SER B 166 2.58 -20.71 0.73
C SER B 166 2.21 -19.31 0.33
N GLY B 167 1.48 -18.64 1.20
CA GLY B 167 1.33 -17.21 1.07
C GLY B 167 2.46 -16.65 1.91
N ASP B 168 3.22 -15.70 1.35
CA ASP B 168 4.37 -15.13 2.02
C ASP B 168 4.10 -14.59 3.43
N LEU B 169 4.66 -15.28 4.41
CA LEU B 169 4.58 -14.85 5.80
C LEU B 169 5.44 -13.61 5.95
N SER B 170 6.74 -13.74 5.65
CA SER B 170 7.85 -12.74 5.88
C SER B 170 7.46 -11.38 6.49
N ASP B 171 6.58 -10.64 5.80
CA ASP B 171 6.03 -9.37 6.31
C ASP B 171 4.69 -9.60 7.00
N PHE B 172 4.57 -10.75 7.67
CA PHE B 172 3.47 -11.04 8.58
C PHE B 172 3.80 -10.38 9.92
N ILE B 173 2.80 -10.06 10.73
CA ILE B 173 2.97 -9.14 11.85
C ILE B 173 2.69 -9.79 13.24
N GLU B 174 2.04 -10.95 13.27
CA GLU B 174 1.69 -11.60 14.52
C GLU B 174 0.81 -10.69 15.39
N ASP B 175 -0.51 -10.68 15.18
CA ASP B 175 -1.31 -9.86 16.12
C ASP B 175 -1.27 -10.48 17.58
N VAL B 176 -2.07 -10.09 18.56
CA VAL B 176 -1.67 -10.56 19.92
C VAL B 176 -2.21 -11.96 20.30
N GLU B 177 -3.37 -12.33 19.76
CA GLU B 177 -3.38 -13.26 18.62
C GLU B 177 -4.33 -14.33 18.21
N TRP B 178 -4.45 -14.24 16.88
CA TRP B 178 -4.71 -15.32 15.93
C TRP B 178 -3.43 -15.46 15.10
N GLU B 179 -3.00 -16.73 15.01
CA GLU B 179 -1.63 -17.17 14.76
C GLU B 179 -1.39 -18.07 13.59
N VAL B 180 -0.81 -17.52 12.53
CA VAL B 180 -0.55 -18.31 11.34
C VAL B 180 0.34 -19.49 11.64
N HIS B 181 -0.25 -20.67 11.52
CA HIS B 181 0.43 -21.92 11.67
C HIS B 181 0.84 -22.40 10.31
N GLY B 182 -0.07 -22.20 9.37
CA GLY B 182 0.20 -22.50 7.99
C GLY B 182 -0.60 -21.61 7.08
N MET B 183 -0.08 -21.37 5.88
CA MET B 183 -0.84 -20.76 4.80
C MET B 183 -0.59 -21.47 3.46
N PRO B 184 -0.88 -22.77 3.39
CA PRO B 184 -0.54 -23.48 2.15
C PRO B 184 -1.36 -22.98 0.97
N ALA B 185 -0.76 -23.00 -0.21
CA ALA B 185 -1.46 -22.51 -1.39
C ALA B 185 -1.74 -23.68 -2.26
N VAL B 186 -2.89 -23.60 -2.93
CA VAL B 186 -3.45 -24.69 -3.69
C VAL B 186 -4.14 -24.16 -4.95
N LYS B 187 -3.99 -24.85 -6.06
CA LYS B 187 -4.61 -24.44 -7.30
C LYS B 187 -5.67 -25.46 -7.72
N ASN B 188 -6.91 -25.01 -7.92
CA ASN B 188 -7.99 -25.89 -8.30
C ASN B 188 -8.62 -25.37 -9.57
N VAL B 189 -9.53 -26.16 -10.15
CA VAL B 189 -10.37 -25.62 -11.21
C VAL B 189 -11.81 -25.73 -10.82
N ILE B 190 -12.62 -24.80 -11.34
CA ILE B 190 -14.06 -24.77 -11.17
C ILE B 190 -14.72 -24.88 -12.55
N SER B 191 -15.74 -25.73 -12.63
CA SER B 191 -16.36 -26.10 -13.92
C SER B 191 -17.35 -25.09 -14.56
N TYR B 192 -18.40 -24.72 -13.83
CA TYR B 192 -19.41 -23.77 -14.33
C TYR B 192 -20.20 -24.23 -15.54
N GLY B 193 -21.52 -24.42 -15.33
CA GLY B 193 -22.37 -25.04 -16.33
C GLY B 193 -22.53 -24.19 -17.57
N CYS B 194 -21.97 -23.00 -17.52
CA CYS B 194 -22.12 -21.98 -18.55
C CYS B 194 -21.48 -22.38 -19.83
N CYS B 195 -20.37 -23.11 -19.74
CA CYS B 195 -19.59 -23.41 -20.92
C CYS B 195 -18.45 -24.36 -20.66
N SER B 196 -18.09 -25.08 -21.72
CA SER B 196 -16.74 -25.56 -21.99
C SER B 196 -15.71 -24.54 -21.51
N GLU B 197 -14.46 -24.98 -21.29
CA GLU B 197 -13.39 -24.17 -20.67
C GLU B 197 -13.67 -24.16 -19.18
N PRO B 198 -12.95 -24.93 -18.38
CA PRO B 198 -13.19 -24.81 -16.93
C PRO B 198 -12.47 -23.61 -16.33
N TYR B 199 -12.80 -23.21 -15.10
CA TYR B 199 -12.26 -21.96 -14.51
C TYR B 199 -11.29 -22.13 -13.37
N PRO B 200 -10.04 -21.70 -13.55
CA PRO B 200 -8.89 -21.72 -12.62
C PRO B 200 -9.02 -20.79 -11.42
N ASP B 201 -8.54 -21.26 -10.26
CA ASP B 201 -8.57 -20.48 -9.05
C ASP B 201 -7.43 -20.92 -8.13
N VAL B 202 -6.78 -20.02 -7.41
CA VAL B 202 -5.88 -20.50 -6.38
C VAL B 202 -6.34 -20.13 -4.96
N THR B 203 -6.04 -21.00 -4.00
CA THR B 203 -6.56 -20.87 -2.66
C THR B 203 -5.56 -20.86 -1.54
N PHE B 204 -5.34 -19.66 -1.04
CA PHE B 204 -4.52 -19.43 0.14
C PHE B 204 -5.35 -19.78 1.32
N THR B 205 -4.79 -20.65 2.13
CA THR B 205 -5.62 -21.26 3.16
C THR B 205 -4.95 -20.98 4.44
N LEU B 206 -5.60 -20.17 5.24
CA LEU B 206 -4.98 -19.55 6.37
C LEU B 206 -5.46 -20.20 7.62
N LEU B 207 -4.55 -20.58 8.48
CA LEU B 207 -4.97 -21.28 9.67
C LEU B 207 -4.39 -20.61 10.91
N LEU B 208 -5.24 -20.30 11.90
CA LEU B 208 -4.83 -19.46 13.03
C LEU B 208 -4.79 -20.38 14.24
N LYS B 209 -4.82 -19.95 15.51
CA LYS B 209 -5.31 -20.72 16.74
C LYS B 209 -4.96 -20.24 18.14
N ARG B 210 -5.49 -19.08 18.52
CA ARG B 210 -5.41 -18.41 19.85
C ARG B 210 -4.46 -18.85 20.95
N ARG B 211 -3.83 -17.84 21.54
CA ARG B 211 -3.08 -18.04 22.75
C ARG B 211 -4.13 -17.61 23.75
N SER B 212 -4.40 -18.47 24.73
CA SER B 212 -5.45 -18.28 25.74
C SER B 212 -5.76 -16.88 26.31
N ILE C 1 16.86 41.82 28.71
CA ILE C 1 17.58 41.86 27.45
C ILE C 1 16.60 41.45 26.36
N VAL C 2 16.74 42.03 25.18
CA VAL C 2 16.02 41.61 23.96
C VAL C 2 16.91 40.81 22.97
N CYS C 3 16.61 39.53 22.77
CA CYS C 3 17.40 38.61 21.91
C CYS C 3 16.56 38.15 20.71
N HIS C 4 17.15 37.70 19.58
CA HIS C 4 16.33 36.95 18.58
C HIS C 4 16.18 35.46 19.03
N THR C 5 15.01 34.89 18.86
CA THR C 5 14.84 33.50 19.23
C THR C 5 14.31 32.88 18.00
N THR C 6 14.69 31.62 17.74
CA THR C 6 14.35 30.89 16.51
C THR C 6 13.19 29.96 16.71
N ALA C 7 12.72 29.91 17.96
CA ALA C 7 11.51 29.19 18.37
C ALA C 7 10.26 29.71 17.66
N THR C 8 10.43 30.75 16.87
CA THR C 8 9.31 31.55 16.42
C THR C 8 9.28 31.56 14.91
N SER C 9 8.09 31.58 14.37
CA SER C 9 7.94 31.51 12.93
C SER C 9 7.00 32.63 12.48
N PRO C 10 7.50 33.60 11.69
CA PRO C 10 8.89 33.83 11.31
C PRO C 10 9.74 34.29 12.47
N ILE C 11 11.02 34.54 12.15
CA ILE C 11 11.98 34.89 13.17
C ILE C 11 11.82 36.35 13.52
N SER C 12 11.99 36.63 14.81
CA SER C 12 11.52 37.85 15.41
C SER C 12 12.25 38.06 16.71
N ALA C 13 11.87 39.11 17.45
CA ALA C 13 12.57 39.52 18.65
C ALA C 13 11.79 39.26 19.91
N VAL C 14 12.47 38.75 20.92
CA VAL C 14 11.81 38.53 22.18
C VAL C 14 12.64 39.17 23.29
N THR C 15 11.97 39.52 24.37
CA THR C 15 12.61 39.96 25.56
C THR C 15 12.92 38.73 26.40
N CYS C 16 14.18 38.42 26.60
CA CYS C 16 14.53 37.25 27.39
C CYS C 16 13.89 37.29 28.81
N PRO C 17 13.79 36.14 29.50
CA PRO C 17 13.41 35.99 30.92
C PRO C 17 14.27 36.80 31.85
N PRO C 18 13.91 36.84 33.13
CA PRO C 18 14.79 37.38 34.18
C PRO C 18 15.95 36.44 34.49
N GLY C 19 17.17 36.94 34.56
CA GLY C 19 18.30 36.11 34.91
C GLY C 19 18.97 35.56 33.68
N GLU C 20 18.20 35.46 32.59
CA GLU C 20 18.81 35.06 31.33
C GLU C 20 19.20 36.32 30.56
N ASN C 21 20.41 36.83 30.84
CA ASN C 21 20.90 38.15 30.39
C ASN C 21 21.61 38.17 29.04
N LEU C 22 22.10 37.03 28.63
CA LEU C 22 22.85 36.92 27.41
C LEU C 22 22.02 36.49 26.24
N CYS C 23 22.40 36.98 25.07
CA CYS C 23 21.91 36.39 23.82
C CYS C 23 23.01 35.49 23.27
N TYR C 24 22.60 34.38 22.66
CA TYR C 24 23.53 33.39 22.11
C TYR C 24 23.24 33.05 20.65
N ARG C 25 24.18 32.37 19.99
CA ARG C 25 23.95 31.78 18.68
C ARG C 25 24.55 30.38 18.67
N LYS C 26 23.78 29.38 18.23
CA LYS C 26 24.30 28.01 18.11
C LYS C 26 24.22 27.56 16.69
N MET C 27 25.30 27.00 16.15
CA MET C 27 25.19 26.32 14.86
C MET C 27 25.91 24.95 14.79
N TRP C 28 25.15 23.86 14.72
CA TRP C 28 25.72 22.54 14.43
C TRP C 28 25.29 22.10 13.04
N CYS C 29 25.42 20.80 12.79
CA CYS C 29 25.14 20.25 11.47
C CYS C 29 24.23 18.99 11.50
N ASP C 30 23.04 19.20 10.96
CA ASP C 30 22.34 18.33 10.03
C ASP C 30 23.30 17.55 9.09
N VAL C 31 22.81 16.75 8.16
CA VAL C 31 23.64 16.60 6.97
C VAL C 31 22.91 17.22 5.77
N PHE C 32 21.95 18.10 6.05
CA PHE C 32 21.43 19.00 5.01
C PHE C 32 22.46 20.11 4.73
N CYS C 33 23.48 20.18 5.60
CA CYS C 33 24.56 21.20 5.65
C CYS C 33 25.11 21.63 4.29
N SER C 34 25.53 20.62 3.53
CA SER C 34 25.94 20.78 2.15
C SER C 34 24.86 21.51 1.34
N SER C 35 23.62 21.04 1.44
CA SER C 35 22.45 21.51 0.67
C SER C 35 21.87 22.86 1.17
N ARG C 36 21.70 22.98 2.46
CA ARG C 36 21.22 24.21 3.06
C ARG C 36 22.02 24.45 4.33
N GLY C 37 23.02 25.31 4.21
CA GLY C 37 24.04 25.44 5.22
C GLY C 37 23.66 25.57 6.67
N LYS C 38 24.09 24.61 7.48
CA LYS C 38 24.22 24.83 8.90
C LYS C 38 22.91 25.11 9.68
N VAL C 39 22.64 24.42 10.77
CA VAL C 39 21.37 24.72 11.41
C VAL C 39 21.62 25.58 12.58
N VAL C 40 20.76 26.61 12.68
CA VAL C 40 20.89 27.73 13.62
C VAL C 40 19.85 27.81 14.72
N GLU C 41 20.30 27.84 15.96
CA GLU C 41 19.39 28.04 17.03
C GLU C 41 19.78 29.35 17.73
N LEU C 42 18.88 30.33 17.70
CA LEU C 42 19.11 31.63 18.34
C LEU C 42 18.22 31.72 19.56
N GLY C 43 18.73 32.27 20.66
CA GLY C 43 17.88 32.49 21.82
C GLY C 43 18.49 33.26 22.97
N CYS C 44 18.00 32.95 24.16
CA CYS C 44 18.42 33.59 25.40
C CYS C 44 19.15 32.57 26.23
N ALA C 45 19.93 33.02 27.20
CA ALA C 45 20.58 32.06 28.10
C ALA C 45 21.00 32.81 29.32
N ALA C 46 21.09 32.13 30.46
CA ALA C 46 21.60 32.79 31.66
C ALA C 46 23.15 32.89 31.60
N THR C 47 23.80 31.76 31.37
CA THR C 47 25.25 31.70 31.19
C THR C 47 25.52 31.20 29.78
N CYS C 48 26.58 31.68 29.11
CA CYS C 48 26.79 31.25 27.73
C CYS C 48 26.97 29.72 27.67
N PRO C 49 26.10 29.04 26.90
CA PRO C 49 26.11 27.55 26.81
C PRO C 49 27.47 27.00 26.37
N SER C 50 28.08 26.11 27.15
CA SER C 50 29.37 25.49 26.86
C SER C 50 29.45 24.47 25.74
N LYS C 51 28.52 23.52 25.69
CA LYS C 51 28.34 22.75 24.47
C LYS C 51 29.41 21.92 23.77
N LYS C 52 28.84 20.96 23.05
CA LYS C 52 29.31 20.34 21.83
C LYS C 52 30.80 20.32 21.39
N PRO C 53 31.11 19.51 20.35
CA PRO C 53 32.46 19.39 19.77
C PRO C 53 32.66 20.19 18.46
N TYR C 54 31.55 20.60 17.86
CA TYR C 54 31.48 21.16 16.51
C TYR C 54 30.66 22.48 16.34
N GLU C 55 31.10 23.61 16.91
CA GLU C 55 30.18 24.77 16.89
C GLU C 55 30.62 26.13 16.37
N GLU C 56 29.62 26.96 16.10
CA GLU C 56 29.85 28.31 15.65
C GLU C 56 28.98 29.18 16.54
N VAL C 57 28.97 28.73 17.79
CA VAL C 57 28.51 29.41 18.99
C VAL C 57 29.08 30.73 19.34
N THR C 58 28.21 31.66 19.66
CA THR C 58 28.51 33.07 19.90
C THR C 58 27.57 33.63 21.00
N CYS C 59 28.11 34.33 22.00
CA CYS C 59 27.39 35.06 23.06
C CYS C 59 27.43 36.55 22.75
N CYS C 60 26.52 37.29 23.38
CA CYS C 60 26.57 38.73 23.32
C CYS C 60 25.69 39.25 24.43
N SER C 61 25.87 40.52 24.80
CA SER C 61 25.27 41.08 26.00
C SER C 61 24.54 42.35 25.67
N THR C 62 24.61 42.69 24.39
CA THR C 62 23.96 43.85 23.82
C THR C 62 22.49 43.44 23.51
N ASP C 63 21.58 44.41 23.39
CA ASP C 63 20.30 44.15 22.74
C ASP C 63 20.66 43.74 21.32
N LYS C 64 19.70 43.36 20.48
CA LYS C 64 20.01 43.30 19.05
C LYS C 64 20.96 42.18 18.57
N CYS C 65 21.78 41.63 19.47
CA CYS C 65 23.11 41.20 19.04
C CYS C 65 23.28 39.78 18.53
N ASN C 66 22.26 38.93 18.59
CA ASN C 66 22.41 37.58 18.00
C ASN C 66 21.51 37.37 16.78
N PRO C 67 21.76 38.09 15.67
CA PRO C 67 20.91 37.80 14.52
C PRO C 67 21.38 36.59 13.75
N HIS C 68 20.42 35.90 13.12
CA HIS C 68 20.71 34.84 12.16
C HIS C 68 21.60 35.48 11.08
N PRO C 69 22.34 34.66 10.31
CA PRO C 69 23.09 35.26 9.20
C PRO C 69 22.19 35.96 8.16
N LYS C 70 20.90 36.08 8.51
CA LYS C 70 19.92 36.91 7.81
C LYS C 70 20.47 38.22 7.25
N GLN C 71 20.74 39.22 8.10
CA GLN C 71 21.40 40.45 7.66
C GLN C 71 22.58 40.93 8.54
N ARG C 72 22.37 42.03 9.26
CA ARG C 72 23.37 42.63 10.15
C ARG C 72 22.60 43.13 11.40
N PRO C 73 23.27 43.27 12.58
CA PRO C 73 22.50 43.43 13.84
C PRO C 73 21.30 44.38 13.79
N ILE D 1 -16.05 -48.62 -14.49
CA ILE D 1 -16.86 -47.74 -15.31
C ILE D 1 -16.00 -46.55 -15.69
N VAL D 2 -16.24 -46.01 -16.88
CA VAL D 2 -15.63 -44.74 -17.25
C VAL D 2 -16.59 -43.61 -17.01
N CYS D 3 -16.17 -42.68 -16.17
CA CYS D 3 -16.96 -41.51 -15.78
C CYS D 3 -16.28 -40.25 -16.27
N HIS D 4 -17.01 -39.20 -16.57
CA HIS D 4 -16.34 -37.91 -16.65
C HIS D 4 -16.02 -37.33 -15.29
N THR D 5 -14.87 -36.68 -15.19
CA THR D 5 -14.51 -35.97 -13.97
C THR D 5 -14.07 -34.53 -14.21
N THR D 6 -14.32 -33.73 -13.19
CA THR D 6 -14.02 -32.31 -13.24
C THR D 6 -12.78 -31.93 -12.46
N ALA D 7 -12.27 -32.85 -11.65
CA ALA D 7 -10.99 -32.69 -10.91
C ALA D 7 -9.77 -32.46 -11.81
N THR D 8 -10.04 -32.37 -13.09
CA THR D 8 -9.14 -32.44 -14.21
C THR D 8 -9.35 -31.24 -15.13
N SER D 9 -8.29 -30.77 -15.75
CA SER D 9 -8.28 -29.58 -16.57
C SER D 9 -7.50 -29.87 -17.85
N PRO D 10 -8.16 -29.83 -19.03
CA PRO D 10 -9.57 -29.65 -19.35
C PRO D 10 -10.32 -30.87 -18.89
N ILE D 11 -11.61 -31.02 -19.25
CA ILE D 11 -12.47 -32.06 -18.71
C ILE D 11 -12.32 -33.37 -19.45
N SER D 12 -12.53 -34.47 -18.73
CA SER D 12 -12.00 -35.74 -19.21
C SER D 12 -12.67 -36.95 -18.67
N ALA D 13 -12.18 -38.10 -19.13
CA ALA D 13 -12.76 -39.41 -18.81
C ALA D 13 -11.84 -40.31 -18.05
N VAL D 14 -12.28 -40.85 -16.92
CA VAL D 14 -11.39 -41.79 -16.23
C VAL D 14 -12.14 -43.01 -15.76
N THR D 15 -11.36 -44.06 -15.49
CA THR D 15 -11.88 -45.29 -14.97
C THR D 15 -12.00 -45.22 -13.45
N CYS D 16 -13.21 -45.29 -12.95
CA CYS D 16 -13.44 -45.19 -11.51
C CYS D 16 -12.63 -46.28 -10.76
N PRO D 17 -12.39 -46.08 -9.46
CA PRO D 17 -11.75 -47.09 -8.59
C PRO D 17 -12.52 -48.37 -8.58
N PRO D 18 -11.96 -49.40 -7.93
CA PRO D 18 -12.74 -50.63 -7.69
C PRO D 18 -13.91 -50.45 -6.72
N GLY D 19 -15.07 -50.95 -7.10
CA GLY D 19 -16.23 -50.93 -6.23
C GLY D 19 -17.12 -49.74 -6.51
N GLU D 20 -16.51 -48.70 -7.07
CA GLU D 20 -17.21 -47.47 -7.47
C GLU D 20 -17.74 -47.62 -8.89
N ASN D 21 -18.98 -48.09 -8.92
CA ASN D 21 -19.76 -48.59 -10.02
C ASN D 21 -20.47 -47.55 -10.87
N LEU D 22 -20.85 -46.47 -10.20
CA LEU D 22 -21.67 -45.42 -10.74
C LEU D 22 -20.92 -44.16 -11.16
N CYS D 23 -21.42 -43.46 -12.16
CA CYS D 23 -21.02 -42.10 -12.42
C CYS D 23 -22.15 -41.13 -11.99
N TYR D 24 -21.78 -39.98 -11.41
CA TYR D 24 -22.74 -38.96 -10.94
C TYR D 24 -22.37 -37.55 -11.43
N ARG D 25 -23.32 -36.63 -11.26
CA ARG D 25 -23.21 -35.19 -11.51
C ARG D 25 -23.90 -34.40 -10.43
N LYS D 26 -23.21 -33.42 -9.85
CA LYS D 26 -23.75 -32.50 -8.83
C LYS D 26 -23.67 -31.06 -9.30
N MET D 27 -24.73 -30.29 -9.07
CA MET D 27 -24.67 -28.84 -9.28
C MET D 27 -25.27 -28.09 -8.07
N TRP D 28 -24.47 -27.39 -7.28
CA TRP D 28 -25.02 -26.45 -6.28
C TRP D 28 -24.76 -25.05 -6.81
N CYS D 29 -25.00 -23.98 -6.00
CA CYS D 29 -24.66 -22.59 -6.42
C CYS D 29 -23.58 -21.84 -5.73
N ASP D 30 -22.56 -21.42 -6.48
CA ASP D 30 -21.69 -20.39 -5.96
C ASP D 30 -22.12 -19.06 -6.58
N VAL D 31 -21.51 -17.99 -6.10
CA VAL D 31 -21.85 -16.61 -6.44
C VAL D 31 -21.65 -16.23 -7.91
N PHE D 32 -21.64 -17.21 -8.78
CA PHE D 32 -21.55 -16.91 -10.18
C PHE D 32 -22.82 -17.35 -10.90
N CYS D 33 -23.74 -18.00 -10.18
CA CYS D 33 -24.93 -18.54 -10.82
C CYS D 33 -25.51 -17.61 -11.87
N SER D 34 -25.78 -16.40 -11.45
CA SER D 34 -26.24 -15.36 -12.34
C SER D 34 -25.34 -15.23 -13.56
N SER D 35 -24.05 -15.14 -13.30
CA SER D 35 -23.12 -14.72 -14.34
C SER D 35 -22.82 -15.75 -15.37
N ARG D 36 -22.45 -16.95 -14.93
CA ARG D 36 -22.07 -17.97 -15.89
C ARG D 36 -22.54 -19.35 -15.46
N GLY D 37 -23.66 -19.81 -15.99
CA GLY D 37 -24.24 -21.03 -15.47
C GLY D 37 -24.10 -21.31 -13.97
N LYS D 38 -24.21 -22.59 -13.67
CA LYS D 38 -24.06 -23.12 -12.33
C LYS D 38 -22.87 -24.10 -12.30
N VAL D 39 -22.44 -24.51 -11.12
CA VAL D 39 -21.25 -25.32 -11.14
C VAL D 39 -21.57 -26.75 -10.90
N VAL D 40 -20.89 -27.55 -11.72
CA VAL D 40 -21.03 -28.96 -11.98
C VAL D 40 -19.83 -29.71 -11.49
N GLU D 41 -20.06 -30.66 -10.62
CA GLU D 41 -19.03 -31.52 -10.15
C GLU D 41 -19.31 -32.91 -10.75
N LEU D 42 -18.37 -33.42 -11.53
CA LEU D 42 -18.50 -34.74 -12.15
C LEU D 42 -17.52 -35.74 -11.57
N GLY D 43 -17.98 -36.94 -11.26
CA GLY D 43 -17.04 -37.97 -10.88
C GLY D 43 -17.64 -39.37 -10.80
N CYS D 44 -16.99 -40.18 -9.97
CA CYS D 44 -17.27 -41.56 -9.72
C CYS D 44 -17.89 -41.66 -8.34
N ALA D 45 -18.61 -42.75 -8.09
CA ALA D 45 -19.09 -43.06 -6.76
C ALA D 45 -19.54 -44.52 -6.67
N ALA D 46 -19.42 -45.12 -5.49
CA ALA D 46 -19.90 -46.48 -5.32
C ALA D 46 -21.43 -46.47 -5.15
N THR D 47 -21.92 -45.63 -4.25
CA THR D 47 -23.37 -45.47 -4.12
C THR D 47 -23.81 -44.04 -4.43
N CYS D 48 -25.00 -43.91 -5.01
CA CYS D 48 -25.45 -42.59 -5.45
C CYS D 48 -25.46 -41.62 -4.30
N PRO D 49 -24.68 -40.55 -4.43
CA PRO D 49 -24.61 -39.52 -3.39
C PRO D 49 -25.97 -38.97 -3.07
N SER D 50 -26.31 -38.87 -1.78
CA SER D 50 -27.51 -38.15 -1.33
C SER D 50 -27.49 -36.68 -1.69
N LYS D 51 -28.39 -35.89 -1.10
CA LYS D 51 -28.29 -34.47 -1.34
C LYS D 51 -29.07 -33.63 -0.33
N LYS D 52 -28.74 -32.33 -0.27
CA LYS D 52 -29.36 -31.38 0.66
C LYS D 52 -29.71 -30.12 -0.14
N PRO D 53 -29.27 -28.90 0.26
CA PRO D 53 -30.11 -27.72 0.10
C PRO D 53 -30.59 -27.55 -1.31
N TYR D 54 -29.63 -27.29 -2.16
CA TYR D 54 -29.86 -27.00 -3.51
C TYR D 54 -28.94 -27.93 -4.24
N GLU D 55 -29.30 -29.17 -4.38
CA GLU D 55 -28.34 -29.92 -5.14
C GLU D 55 -28.99 -30.72 -6.31
N GLU D 56 -28.15 -31.15 -7.24
CA GLU D 56 -28.60 -31.78 -8.49
C GLU D 56 -27.95 -33.10 -8.95
N VAL D 57 -27.81 -34.02 -8.02
CA VAL D 57 -27.48 -35.38 -8.35
C VAL D 57 -28.26 -36.01 -9.45
N THR D 58 -27.47 -36.55 -10.36
CA THR D 58 -27.97 -37.32 -11.46
C THR D 58 -26.91 -38.42 -11.46
N CYS D 59 -27.32 -39.67 -11.26
CA CYS D 59 -26.42 -40.83 -11.28
C CYS D 59 -26.67 -41.69 -12.53
N CYS D 60 -25.71 -42.52 -12.92
CA CYS D 60 -25.95 -43.42 -14.05
C CYS D 60 -24.96 -44.57 -14.03
N SER D 61 -25.12 -45.54 -14.93
CA SER D 61 -24.45 -46.83 -14.81
C SER D 61 -23.63 -47.17 -16.03
N THR D 62 -23.76 -46.31 -17.02
CA THR D 62 -23.13 -46.42 -18.33
C THR D 62 -21.80 -45.66 -18.50
N ASP D 63 -20.95 -46.09 -19.46
CA ASP D 63 -19.78 -45.30 -19.87
C ASP D 63 -20.11 -43.90 -20.40
N LYS D 64 -19.54 -42.87 -19.75
CA LYS D 64 -19.56 -41.49 -20.27
C LYS D 64 -21.00 -41.02 -20.25
N CYS D 65 -21.71 -41.35 -19.16
CA CYS D 65 -23.15 -41.06 -19.06
C CYS D 65 -23.46 -39.77 -18.31
N ASN D 66 -22.44 -39.20 -17.67
CA ASN D 66 -22.51 -37.91 -16.97
C ASN D 66 -21.64 -36.82 -17.59
N PRO D 67 -21.98 -36.37 -18.80
CA PRO D 67 -21.12 -35.29 -19.26
C PRO D 67 -21.51 -33.97 -18.67
N HIS D 68 -20.53 -33.11 -18.58
CA HIS D 68 -20.75 -31.72 -18.30
C HIS D 68 -21.76 -31.23 -19.31
N PRO D 69 -22.49 -30.15 -18.99
CA PRO D 69 -23.23 -29.68 -20.16
C PRO D 69 -22.31 -29.21 -21.34
N LYS D 70 -21.14 -29.83 -21.49
CA LYS D 70 -20.25 -29.73 -22.65
C LYS D 70 -20.88 -29.79 -24.06
N GLN D 71 -21.23 -31.00 -24.52
CA GLN D 71 -21.86 -31.24 -25.84
C GLN D 71 -23.12 -32.05 -25.65
N ARG D 72 -22.94 -33.24 -25.05
CA ARG D 72 -23.86 -34.37 -24.69
C ARG D 72 -23.08 -35.58 -25.30
N PRO D 73 -23.37 -36.82 -24.86
CA PRO D 73 -22.33 -37.86 -24.66
C PRO D 73 -21.15 -37.91 -25.65
C1 NAG E . -2.48 28.41 5.32
C2 NAG E . -3.50 29.22 4.50
C3 NAG E . -4.17 30.28 5.36
C4 NAG E . -4.79 29.63 6.58
C5 NAG E . -3.70 28.94 7.37
C6 NAG E . -4.22 28.18 8.57
C7 NAG E . -3.53 30.48 2.37
C8 NAG E . -2.69 31.12 1.30
N2 NAG E . -2.85 29.87 3.35
O3 NAG E . -5.16 30.99 4.63
O4 NAG E . -5.42 30.63 7.38
O5 NAG E . -3.10 27.96 6.54
O6 NAG E . -3.26 27.28 9.11
O7 NAG E . -4.74 30.52 2.34
C1 NAG F . 11.75 13.97 19.46
C2 NAG F . 13.03 14.38 20.15
C3 NAG F . 12.73 15.17 21.40
C4 NAG F . 11.76 16.32 21.12
C5 NAG F . 10.60 15.90 20.20
C6 NAG F . 9.88 17.08 19.59
C7 NAG F . 15.03 13.00 19.91
C8 NAG F . 15.75 11.77 20.33
N2 NAG F . 13.83 13.21 20.46
O3 NAG F . 13.96 15.66 21.93
O4 NAG F . 11.20 16.78 22.34
O5 NAG F . 11.06 15.12 19.11
O6 NAG F . 9.96 17.02 18.16
O7 NAG F . 15.49 13.79 19.07
C1 NAG G . 0.97 -20.90 -20.56
C2 NAG G . 1.91 -20.79 -21.76
C3 NAG G . 2.21 -22.18 -22.32
C4 NAG G . 3.07 -22.95 -21.32
C5 NAG G . 2.61 -22.63 -19.88
C6 NAG G . 3.50 -21.64 -19.16
C7 NAG G . 2.15 -19.06 -23.44
C8 NAG G . 1.47 -18.23 -24.49
N2 NAG G . 1.37 -19.92 -22.79
O3 NAG G . 2.86 -22.12 -23.59
O4 NAG G . 2.97 -24.35 -21.60
O5 NAG G . 1.25 -22.17 -19.85
O6 NAG G . 3.18 -21.42 -17.79
O7 NAG G . 3.34 -18.95 -23.19
C1 NAG H . -10.57 -24.55 1.47
C2 NAG H . -11.69 -25.51 1.82
C3 NAG H . -11.16 -26.90 2.07
C4 NAG H . -10.24 -27.35 0.92
C5 NAG H . -9.29 -26.25 0.44
C6 NAG H . -8.67 -26.56 -0.92
C7 NAG H . -13.42 -24.17 2.88
C8 NAG H . -14.10 -23.78 4.17
N2 NAG H . -12.43 -25.04 2.99
O3 NAG H . -12.27 -27.78 2.17
O4 NAG H . -9.43 -28.43 1.36
O5 NAG H . -9.97 -25.00 0.29
O6 NAG H . -9.30 -25.86 -1.98
O7 NAG H . -13.76 -23.70 1.79
#